data_2Q10
#
_entry.id   2Q10
#
_cell.length_a   81.354
_cell.length_b   87.551
_cell.length_c   79.162
_cell.angle_alpha   90.00
_cell.angle_beta   90.00
_cell.angle_gamma   90.00
#
_symmetry.space_group_name_H-M   'P 21 21 2'
#
loop_
_entity.id
_entity.type
_entity.pdbx_description
1 polymer "DNA (5'-D(*AP*AP*CP*CP*CP*GP*GP*AP*GP*AP*C)-3')"
2 polymer "DNA (5'-D(*CP*TP*CP*CP*GP*GP*GP*TP*TP*GP*T)-3')"
3 polymer R.BcnI
4 non-polymer 'CALCIUM ION'
5 non-polymer 'CHLORIDE ION'
6 water water
#
loop_
_entity_poly.entity_id
_entity_poly.type
_entity_poly.pdbx_seq_one_letter_code
_entity_poly.pdbx_strand_id
1 'polydeoxyribonucleotide' (DA)(DA)(DC)(DC)(DC)(DG)(DG)(DA)(DG)(DA)(DC) C,E
2 'polydeoxyribonucleotide' (DC)(DT)(DC)(DC)(DG)(DG)(DG)(DT)(DT)(DG)(DT) D,F
3 'polypeptide(L)'
;MKIWSKEEVVNKLHEIKNKGYLSVPTDMFRTDDGVVGQILERQFGVQENNITLGDLGEFELKGMRNRKAKSNLTLFHKKP
VAGQTVIQIFNRFGYVKPSSRNPEVMKKKLFTTIKGGRLNNLGLTLNAKHASEINLYYQDEYLSTWDLNLSKIEKLVLVF
AETIGRANSPEEQFHFTKAYMLTEINDITSLINDGVLVMDLCIDQDLSKSKGPHDRGPHLRIPISKLDKLYRNIERLL
;
A,B
#
# COMPACT_ATOMS: atom_id res chain seq x y z
N MET E 1 33.89 21.67 -4.71
CA MET E 1 32.93 20.59 -4.36
C MET E 1 33.73 19.33 -4.02
N LYS E 2 33.40 18.66 -2.93
CA LYS E 2 33.99 17.35 -2.63
C LYS E 2 33.31 16.24 -3.42
N ILE E 3 34.13 15.37 -4.03
CA ILE E 3 33.64 14.15 -4.66
C ILE E 3 33.82 12.99 -3.68
N TRP E 4 32.72 12.51 -3.13
CA TRP E 4 32.74 11.47 -2.12
C TRP E 4 32.86 10.09 -2.75
N SER E 5 33.87 9.34 -2.33
CA SER E 5 33.95 7.94 -2.72
C SER E 5 32.82 7.16 -2.05
N LYS E 6 32.45 6.03 -2.66
CA LYS E 6 31.44 5.16 -2.07
C LYS E 6 31.82 4.80 -0.65
N GLU E 7 33.08 4.41 -0.45
CA GLU E 7 33.55 4.04 0.89
C GLU E 7 33.46 5.20 1.89
N GLU E 8 33.79 6.41 1.43
CA GLU E 8 33.68 7.61 2.29
C GLU E 8 32.22 7.88 2.70
N VAL E 9 31.30 7.65 1.78
CA VAL E 9 29.86 7.80 2.08
C VAL E 9 29.45 6.78 3.14
N VAL E 10 29.84 5.51 2.97
CA VAL E 10 29.50 4.45 3.94
C VAL E 10 30.04 4.79 5.33
N ASN E 11 31.33 5.13 5.41
N ASN E 11 31.33 5.12 5.41
CA ASN E 11 31.95 5.52 6.67
CA ASN E 11 31.95 5.52 6.67
C ASN E 11 31.24 6.71 7.31
C ASN E 11 31.22 6.70 7.30
N LYS E 12 30.93 7.71 6.50
CA LYS E 12 30.23 8.91 6.99
C LYS E 12 28.82 8.59 7.48
N LEU E 13 28.12 7.70 6.78
CA LEU E 13 26.78 7.32 7.19
C LEU E 13 26.80 6.66 8.58
N HIS E 14 27.79 5.80 8.83
CA HIS E 14 27.94 5.19 10.17
C HIS E 14 28.29 6.22 11.27
N GLU E 15 29.15 7.17 10.94
CA GLU E 15 29.45 8.27 11.84
C GLU E 15 28.18 9.06 12.14
N ILE E 16 27.37 9.33 11.12
CA ILE E 16 26.14 10.14 11.30
C ILE E 16 25.12 9.40 12.21
N LYS E 17 24.93 8.13 11.94
CA LYS E 17 24.03 7.32 12.78
C LYS E 17 24.49 7.33 14.24
N ASN E 18 25.81 7.22 14.43
N ASN E 18 25.80 7.21 14.44
CA ASN E 18 26.43 7.17 15.75
CA ASN E 18 26.38 7.15 15.78
C ASN E 18 26.30 8.48 16.54
C ASN E 18 26.29 8.48 16.56
N LYS E 19 26.00 9.58 15.86
CA LYS E 19 25.75 10.87 16.52
C LYS E 19 24.39 10.92 17.25
N GLY E 20 23.49 9.96 17.01
CA GLY E 20 22.16 10.00 17.60
C GLY E 20 21.28 11.06 16.97
N TYR E 21 20.39 11.66 17.75
CA TYR E 21 19.44 12.62 17.21
C TYR E 21 20.06 13.98 17.06
N LEU E 22 19.98 14.51 15.84
CA LEU E 22 20.59 15.78 15.49
C LEU E 22 19.53 16.89 15.54
N SER E 23 19.94 18.07 16.03
N SER E 23 19.94 18.06 16.05
CA SER E 23 19.02 19.18 16.20
CA SER E 23 19.02 19.20 16.21
C SER E 23 19.05 20.19 15.07
C SER E 23 19.02 20.17 15.04
N VAL E 24 18.01 21.02 15.02
CA VAL E 24 17.91 22.09 14.06
C VAL E 24 18.54 23.31 14.69
N PRO E 25 19.61 23.85 14.08
CA PRO E 25 20.13 25.12 14.60
C PRO E 25 19.10 26.25 14.59
N THR E 26 19.19 27.14 15.57
CA THR E 26 18.24 28.26 15.69
C THR E 26 18.13 29.06 14.40
N ASP E 27 19.28 29.31 13.76
N ASP E 27 19.27 29.39 13.80
CA ASP E 27 19.36 30.12 12.54
CA ASP E 27 19.26 30.28 12.65
C ASP E 27 18.96 29.36 11.27
C ASP E 27 18.84 29.58 11.36
N MET E 28 18.80 28.03 11.39
N MET E 28 18.75 28.25 11.39
CA MET E 28 18.33 27.22 10.27
CA MET E 28 18.30 27.46 10.25
C MET E 28 16.79 27.13 10.28
C MET E 28 16.80 27.16 10.29
N PHE E 29 16.18 27.26 11.46
CA PHE E 29 14.77 26.93 11.61
C PHE E 29 13.86 27.88 10.86
N ARG E 30 12.95 27.33 10.06
CA ARG E 30 12.01 28.12 9.25
C ARG E 30 10.72 27.38 8.90
N THR E 31 10.27 26.54 9.83
CA THR E 31 8.98 25.87 9.77
C THR E 31 8.87 25.16 8.43
N ASP E 32 9.74 24.17 8.26
CA ASP E 32 10.14 23.71 6.92
C ASP E 32 10.24 22.18 6.85
N ASP E 33 9.39 21.58 6.00
CA ASP E 33 9.45 20.16 5.73
C ASP E 33 10.86 19.75 5.36
N GLY E 34 11.54 20.59 4.60
CA GLY E 34 12.84 20.23 4.05
C GLY E 34 14.05 20.26 4.98
N VAL E 35 13.83 20.53 6.26
CA VAL E 35 14.93 20.69 7.19
C VAL E 35 15.71 19.39 7.37
N VAL E 36 15.02 18.23 7.24
CA VAL E 36 15.72 16.96 7.33
C VAL E 36 16.84 16.92 6.28
N GLY E 37 16.58 17.51 5.11
CA GLY E 37 17.52 17.54 4.00
C GLY E 37 18.65 18.51 4.28
N GLN E 38 18.34 19.63 4.90
CA GLN E 38 19.38 20.64 5.26
C GLN E 38 20.37 20.11 6.32
N ILE E 39 19.83 19.40 7.30
CA ILE E 39 20.64 18.77 8.36
C ILE E 39 21.54 17.69 7.76
N LEU E 40 20.99 16.85 6.89
CA LEU E 40 21.76 15.79 6.25
C LEU E 40 22.89 16.40 5.39
N GLU E 41 22.58 17.44 4.62
CA GLU E 41 23.61 18.14 3.83
C GLU E 41 24.77 18.62 4.68
N ARG E 42 24.44 19.23 5.83
CA ARG E 42 25.47 19.75 6.72
C ARG E 42 26.43 18.64 7.17
N GLN E 43 25.91 17.45 7.40
CA GLN E 43 26.73 16.32 7.80
C GLN E 43 27.72 15.88 6.71
N PHE E 44 27.35 16.07 5.45
CA PHE E 44 28.21 15.82 4.27
C PHE E 44 28.94 17.07 3.75
N GLY E 45 28.87 18.17 4.50
CA GLY E 45 29.59 19.38 4.14
C GLY E 45 29.17 20.00 2.82
N VAL E 46 27.92 19.71 2.41
CA VAL E 46 27.37 20.19 1.15
C VAL E 46 26.93 21.66 1.35
N GLN E 47 27.71 22.57 0.77
CA GLN E 47 27.64 24.02 1.09
C GLN E 47 26.76 24.80 0.14
N GLU E 48 26.56 24.25 -1.05
CA GLU E 48 25.62 24.82 -2.00
C GLU E 48 25.24 23.77 -3.01
N ASN E 49 24.13 24.02 -3.71
CA ASN E 49 23.77 23.24 -4.88
C ASN E 49 24.83 23.39 -5.97
N ASN E 50 25.09 22.30 -6.68
CA ASN E 50 25.94 22.33 -7.87
C ASN E 50 25.09 22.03 -9.09
N ILE E 51 25.19 22.89 -10.12
CA ILE E 51 24.33 22.75 -11.30
C ILE E 51 24.58 21.46 -12.09
N THR E 52 25.84 21.04 -12.18
CA THR E 52 26.23 19.92 -13.05
C THR E 52 25.89 18.55 -12.41
N LEU E 53 26.23 18.39 -11.13
CA LEU E 53 26.37 17.08 -10.51
C LEU E 53 25.48 16.88 -9.30
N GLY E 54 25.10 15.62 -9.03
CA GLY E 54 24.57 15.23 -7.72
C GLY E 54 25.44 15.77 -6.58
N ASP E 55 24.82 15.98 -5.42
CA ASP E 55 25.44 16.71 -4.31
C ASP E 55 26.76 16.15 -3.87
N LEU E 56 26.95 14.84 -4.02
CA LEU E 56 28.15 14.17 -3.53
C LEU E 56 29.18 13.91 -4.63
N GLY E 57 28.87 14.31 -5.87
CA GLY E 57 29.78 14.12 -7.01
C GLY E 57 29.21 13.07 -7.94
N GLU E 58 29.50 11.80 -7.63
CA GLU E 58 28.94 10.68 -8.39
C GLU E 58 27.47 10.41 -7.99
N PHE E 59 27.12 10.76 -6.76
CA PHE E 59 25.80 10.45 -6.18
C PHE E 59 25.08 11.72 -5.80
N GLU E 60 23.75 11.67 -5.95
CA GLU E 60 22.84 12.70 -5.49
C GLU E 60 22.33 12.26 -4.10
N LEU E 61 22.40 13.17 -3.13
CA LEU E 61 22.04 12.89 -1.75
C LEU E 61 20.59 13.28 -1.49
N LYS E 62 19.85 12.37 -0.84
CA LYS E 62 18.47 12.61 -0.46
C LYS E 62 18.18 12.10 0.94
N GLY E 63 17.52 12.94 1.73
CA GLY E 63 17.09 12.58 3.08
C GLY E 63 15.57 12.51 3.11
N MET E 64 15.06 11.66 3.99
N MET E 64 15.04 11.68 4.00
CA MET E 64 13.62 11.54 4.20
CA MET E 64 13.60 11.53 4.17
C MET E 64 13.35 11.12 5.64
C MET E 64 13.27 11.05 5.59
N ARG E 65 12.34 11.72 6.25
CA ARG E 65 11.81 11.20 7.52
C ARG E 65 11.21 9.81 7.23
N ASN E 66 11.45 8.86 8.12
N ASN E 66 11.47 8.84 8.11
CA ASN E 66 10.88 7.52 7.95
CA ASN E 66 10.92 7.51 7.90
C ASN E 66 9.43 7.48 8.43
C ASN E 66 9.43 7.52 8.24
N ARG E 67 8.51 7.96 7.60
N ARG E 67 8.59 7.68 7.22
CA ARG E 67 7.11 7.91 7.96
CA ARG E 67 7.15 7.73 7.44
C ARG E 67 6.53 6.54 7.62
C ARG E 67 6.47 6.47 6.86
N LYS E 68 5.60 6.06 8.44
N LYS E 68 6.11 6.51 5.59
CA LYS E 68 4.95 4.77 8.21
CA LYS E 68 5.44 5.38 4.93
C LYS E 68 4.26 4.82 6.86
C LYS E 68 6.09 5.02 3.59
N ALA E 69 3.58 5.94 6.62
N ALA E 69 5.76 3.85 3.05
CA ALA E 69 3.02 6.27 5.33
CA ALA E 69 6.33 3.41 1.76
C ALA E 69 3.88 7.41 4.79
C ALA E 69 5.68 4.21 0.64
N LYS E 70 4.62 7.14 3.74
N LYS E 70 4.53 4.79 0.94
CA LYS E 70 5.72 8.02 3.34
CA LYS E 70 3.81 5.67 0.02
C LYS E 70 5.41 8.75 2.05
C LYS E 70 4.44 7.05 -0.07
N SER E 71 5.52 10.07 2.11
N SER E 71 5.30 7.36 0.89
CA SER E 71 5.34 10.93 0.94
CA SER E 71 5.95 8.68 0.94
C SER E 71 6.30 10.52 -0.18
C SER E 71 6.68 8.97 -0.36
N ASN E 72 6.03 10.95 -1.41
N ASN E 72 6.54 10.19 -0.84
CA ASN E 72 6.92 10.65 -2.51
CA ASN E 72 7.08 10.50 -2.15
C ASN E 72 8.30 11.27 -2.29
C ASN E 72 8.39 11.25 -2.14
N LEU E 73 9.27 10.68 -2.96
N LEU E 73 9.33 10.70 -2.90
CA LEU E 73 10.61 11.24 -3.04
CA LEU E 73 10.66 11.25 -3.04
C LEU E 73 10.66 12.24 -4.20
C LEU E 73 10.67 12.23 -4.20
N THR E 74 11.06 13.47 -3.93
CA THR E 74 11.26 14.46 -4.98
C THR E 74 12.64 14.23 -5.56
N LEU E 75 12.70 14.03 -6.87
CA LEU E 75 13.96 13.71 -7.59
C LEU E 75 14.66 15.02 -8.02
N PHE E 76 13.90 15.90 -8.68
CA PHE E 76 14.41 17.20 -9.11
C PHE E 76 13.26 18.00 -9.69
N HIS E 77 13.54 19.24 -10.05
CA HIS E 77 12.50 20.18 -10.55
C HIS E 77 12.89 20.61 -11.93
N LYS E 78 11.91 20.93 -12.77
CA LYS E 78 12.23 21.47 -14.09
C LYS E 78 11.02 22.17 -14.71
N LYS E 79 11.24 23.36 -15.27
CA LYS E 79 10.20 24.07 -16.00
C LYS E 79 9.95 23.42 -17.35
N PRO E 80 8.74 23.58 -17.90
CA PRO E 80 8.51 23.13 -19.27
C PRO E 80 9.36 23.93 -20.28
N VAL E 81 9.81 23.24 -21.32
CA VAL E 81 10.63 23.84 -22.38
C VAL E 81 9.77 24.55 -23.44
N ALA E 82 8.52 24.11 -23.56
CA ALA E 82 7.60 24.66 -24.54
C ALA E 82 6.16 24.54 -24.09
N GLY E 83 5.31 25.32 -24.74
CA GLY E 83 3.88 25.34 -24.43
C GLY E 83 3.58 26.27 -23.28
N GLN E 84 2.55 25.95 -22.51
CA GLN E 84 2.14 26.82 -21.41
C GLN E 84 3.20 26.87 -20.32
N THR E 85 3.42 28.06 -19.77
CA THR E 85 4.31 28.21 -18.63
C THR E 85 3.59 27.71 -17.38
N VAL E 86 4.34 27.47 -16.32
CA VAL E 86 3.75 27.06 -15.04
C VAL E 86 2.80 28.13 -14.48
N ILE E 87 3.18 29.41 -14.56
CA ILE E 87 2.29 30.49 -14.17
C ILE E 87 1.02 30.47 -15.02
N GLN E 88 1.09 30.15 -16.33
CA GLN E 88 -0.15 30.09 -17.14
C GLN E 88 -1.08 28.95 -16.70
N ILE E 89 -0.49 27.81 -16.36
CA ILE E 89 -1.23 26.65 -15.84
C ILE E 89 -1.87 27.00 -14.50
N PHE E 90 -1.10 27.64 -13.62
CA PHE E 90 -1.63 28.18 -12.35
C PHE E 90 -2.80 29.15 -12.53
N ASN E 91 -2.67 30.09 -13.45
CA ASN E 91 -3.74 31.04 -13.72
C ASN E 91 -5.07 30.32 -14.00
N ARG E 92 -5.01 29.29 -14.86
CA ARG E 92 -6.19 28.57 -15.30
C ARG E 92 -6.73 27.52 -14.30
N PHE E 93 -5.84 26.76 -13.67
CA PHE E 93 -6.24 25.57 -12.90
C PHE E 93 -6.14 25.72 -11.37
N GLY E 94 -5.47 26.77 -10.92
CA GLY E 94 -5.41 27.09 -9.50
C GLY E 94 -6.77 27.42 -8.90
N TYR E 95 -6.85 27.31 -7.59
CA TYR E 95 -8.12 27.47 -6.85
C TYR E 95 -7.86 28.22 -5.54
N VAL E 96 -8.86 28.97 -5.11
CA VAL E 96 -8.72 29.83 -3.94
C VAL E 96 -9.19 29.06 -2.72
N LYS E 97 -8.37 29.06 -1.67
CA LYS E 97 -8.57 28.21 -0.49
C LYS E 97 -7.66 28.70 0.63
N PRO E 98 -8.12 28.65 1.90
CA PRO E 98 -7.23 29.03 3.00
C PRO E 98 -5.97 28.17 3.07
N SER E 99 -4.88 28.79 3.51
CA SER E 99 -3.67 28.05 3.88
C SER E 99 -4.00 26.87 4.79
N SER E 100 -3.39 25.73 4.55
CA SER E 100 -3.60 24.57 5.42
C SER E 100 -2.92 24.71 6.78
N ARG E 101 -1.86 25.50 6.85
CA ARG E 101 -1.12 25.77 8.09
C ARG E 101 -1.73 26.89 8.89
N ASN E 102 -2.16 27.93 8.19
CA ASN E 102 -2.70 29.12 8.84
C ASN E 102 -4.05 29.50 8.20
N PRO E 103 -5.16 28.94 8.73
CA PRO E 103 -6.49 29.05 8.16
C PRO E 103 -6.96 30.48 7.91
N GLU E 104 -6.35 31.43 8.61
CA GLU E 104 -6.77 32.83 8.47
C GLU E 104 -6.18 33.54 7.25
N VAL E 105 -5.27 32.87 6.54
CA VAL E 105 -4.59 33.42 5.37
C VAL E 105 -5.21 32.82 4.11
N MET E 106 -5.79 33.67 3.27
CA MET E 106 -6.38 33.20 2.03
C MET E 106 -5.31 33.10 0.97
N LYS E 107 -5.32 31.95 0.28
CA LYS E 107 -4.36 31.63 -0.77
C LYS E 107 -5.05 31.30 -2.10
N LYS E 108 -4.31 31.44 -3.19
CA LYS E 108 -4.61 30.70 -4.40
C LYS E 108 -3.56 29.62 -4.49
N LYS E 109 -3.99 28.40 -4.80
CA LYS E 109 -3.13 27.23 -4.78
C LYS E 109 -3.29 26.39 -6.05
N LEU E 110 -2.20 25.71 -6.42
CA LEU E 110 -2.27 24.54 -7.29
C LEU E 110 -1.26 23.54 -6.78
N PHE E 111 -1.74 22.64 -5.94
CA PHE E 111 -0.94 21.53 -5.44
C PHE E 111 -1.61 20.28 -6.02
N THR E 112 -1.00 19.72 -7.04
CA THR E 112 -1.60 18.61 -7.78
C THR E 112 -0.53 17.61 -8.25
N THR E 113 -0.85 16.32 -8.18
CA THR E 113 0.02 15.26 -8.69
C THR E 113 -0.53 14.80 -10.04
N ILE E 114 0.30 14.93 -11.08
CA ILE E 114 -0.08 14.66 -12.46
C ILE E 114 0.67 13.42 -12.94
N LYS E 115 -0.04 12.47 -13.53
CA LYS E 115 0.65 11.29 -13.99
C LYS E 115 0.08 10.68 -15.26
N GLY E 116 0.87 9.80 -15.85
CA GLY E 116 0.45 9.09 -17.05
C GLY E 116 -0.54 8.01 -16.67
N GLY E 117 -1.41 7.67 -17.61
CA GLY E 117 -2.29 6.51 -17.49
C GLY E 117 -3.67 6.81 -16.96
N ARG E 118 -3.84 8.04 -16.47
CA ARG E 118 -5.04 8.44 -15.77
C ARG E 118 -5.13 9.96 -15.82
N LEU E 119 -6.37 10.46 -15.84
CA LEU E 119 -6.65 11.87 -15.59
C LEU E 119 -6.87 12.10 -14.09
N ASN E 120 -6.19 13.09 -13.52
CA ASN E 120 -6.46 13.46 -12.12
C ASN E 120 -7.76 14.27 -12.04
N ASN E 121 -8.18 14.63 -10.84
CA ASN E 121 -9.48 15.26 -10.63
C ASN E 121 -9.59 16.65 -11.31
N LEU E 122 -8.46 17.27 -11.64
CA LEU E 122 -8.43 18.57 -12.34
C LEU E 122 -8.37 18.39 -13.86
N GLY E 123 -8.35 17.14 -14.30
CA GLY E 123 -8.35 16.80 -15.71
C GLY E 123 -6.96 16.72 -16.31
N LEU E 124 -5.93 16.77 -15.48
CA LEU E 124 -4.54 16.77 -15.95
C LEU E 124 -3.92 15.36 -16.04
N THR E 125 -3.11 15.16 -17.06
CA THR E 125 -2.43 13.90 -17.30
C THR E 125 -1.11 14.15 -18.02
N LEU E 126 -0.24 13.15 -18.00
CA LEU E 126 1.03 13.17 -18.74
C LEU E 126 1.07 12.09 -19.80
N ASN E 127 1.77 12.36 -20.90
CA ASN E 127 2.25 11.27 -21.75
C ASN E 127 3.68 11.55 -22.21
N ALA E 128 4.44 10.50 -22.49
CA ALA E 128 5.82 10.66 -22.93
C ALA E 128 6.01 9.95 -24.24
N LYS E 129 6.69 10.60 -25.18
CA LYS E 129 7.13 9.96 -26.43
C LYS E 129 8.59 9.52 -26.32
N HIS E 130 9.41 10.40 -25.75
CA HIS E 130 10.79 10.09 -25.39
C HIS E 130 11.00 10.74 -24.06
N ALA E 131 12.18 10.55 -23.46
CA ALA E 131 12.49 11.16 -22.17
C ALA E 131 12.59 12.68 -22.29
N SER E 132 12.95 13.15 -23.47
CA SER E 132 13.04 14.59 -23.74
C SER E 132 11.75 15.18 -24.31
N GLU E 133 10.68 14.38 -24.35
CA GLU E 133 9.36 14.88 -24.74
C GLU E 133 8.30 14.29 -23.82
N ILE E 134 8.13 14.91 -22.65
CA ILE E 134 7.03 14.58 -21.76
C ILE E 134 6.01 15.71 -21.81
N ASN E 135 4.79 15.36 -22.22
CA ASN E 135 3.77 16.35 -22.46
C ASN E 135 2.70 16.35 -21.38
N LEU E 136 2.27 17.56 -21.03
CA LEU E 136 1.13 17.76 -20.15
C LEU E 136 -0.12 18.03 -20.98
N TYR E 137 -1.16 17.24 -20.72
CA TYR E 137 -2.46 17.45 -21.33
C TYR E 137 -3.48 17.81 -20.26
N TYR E 138 -4.41 18.69 -20.61
CA TYR E 138 -5.69 18.79 -19.91
C TYR E 138 -6.72 18.11 -20.79
N GLN E 139 -7.18 16.94 -20.35
CA GLN E 139 -8.03 16.07 -21.17
C GLN E 139 -7.33 15.70 -22.48
N ASP E 140 -7.90 16.05 -23.62
CA ASP E 140 -7.23 15.80 -24.90
C ASP E 140 -6.56 17.07 -25.43
N GLU E 141 -6.53 18.12 -24.62
CA GLU E 141 -5.89 19.38 -24.99
C GLU E 141 -4.44 19.45 -24.54
N TYR E 142 -3.52 19.57 -25.51
CA TYR E 142 -2.11 19.75 -25.24
C TYR E 142 -1.88 21.06 -24.50
N LEU E 143 -1.03 21.02 -23.47
CA LEU E 143 -0.61 22.24 -22.77
C LEU E 143 0.88 22.51 -22.90
N SER E 144 1.71 21.59 -22.42
CA SER E 144 3.14 21.86 -22.27
C SER E 144 4.02 20.64 -22.45
N THR E 145 5.31 20.89 -22.67
CA THR E 145 6.32 19.86 -22.87
C THR E 145 7.54 20.07 -21.96
N TRP E 146 8.00 19.02 -21.33
CA TRP E 146 9.23 19.01 -20.55
C TRP E 146 10.31 18.24 -21.31
N ASP E 147 11.53 18.75 -21.19
CA ASP E 147 12.73 18.08 -21.66
C ASP E 147 13.60 17.87 -20.42
N LEU E 148 13.47 16.69 -19.83
CA LEU E 148 14.10 16.39 -18.55
C LEU E 148 15.49 15.81 -18.71
N ASN E 149 16.42 16.32 -17.89
CA ASN E 149 17.76 15.78 -17.82
C ASN E 149 17.87 14.95 -16.53
N LEU E 150 18.05 13.64 -16.69
CA LEU E 150 18.14 12.71 -15.57
C LEU E 150 19.56 12.55 -15.02
N SER E 151 20.53 13.22 -15.62
CA SER E 151 21.93 13.00 -15.28
C SER E 151 22.19 13.01 -13.77
N LYS E 152 21.64 13.98 -13.04
CA LYS E 152 22.00 14.10 -11.63
C LYS E 152 21.48 12.96 -10.75
N ILE E 153 20.44 12.25 -11.20
CA ILE E 153 19.84 11.17 -10.40
C ILE E 153 20.20 9.74 -10.88
N GLU E 154 21.15 9.63 -11.81
CA GLU E 154 21.62 8.31 -12.24
C GLU E 154 22.02 7.41 -11.07
N LYS E 155 22.60 8.01 -10.03
CA LYS E 155 22.89 7.27 -8.80
C LYS E 155 22.49 8.12 -7.60
N LEU E 156 21.76 7.51 -6.65
N LEU E 156 21.99 7.46 -6.56
CA LEU E 156 21.31 8.18 -5.43
CA LEU E 156 21.29 8.13 -5.47
C LEU E 156 21.88 7.53 -4.18
C LEU E 156 21.64 7.51 -4.10
N VAL E 157 22.03 8.36 -3.15
CA VAL E 157 22.23 7.93 -1.76
C VAL E 157 21.04 8.52 -0.99
N LEU E 158 20.13 7.64 -0.60
CA LEU E 158 18.87 7.94 0.10
C LEU E 158 19.00 7.51 1.56
N VAL E 159 18.77 8.44 2.46
CA VAL E 159 18.97 8.24 3.89
C VAL E 159 17.68 8.56 4.64
N PHE E 160 17.28 7.62 5.49
CA PHE E 160 16.05 7.74 6.27
C PHE E 160 16.35 8.12 7.71
N ALA E 161 15.52 9.02 8.24
CA ALA E 161 15.63 9.53 9.61
C ALA E 161 14.42 9.20 10.46
N GLU E 162 14.69 8.76 11.70
CA GLU E 162 13.66 8.77 12.77
C GLU E 162 13.63 10.15 13.40
N THR E 163 12.47 10.55 13.90
CA THR E 163 12.31 11.87 14.48
C THR E 163 11.77 11.80 15.89
N ILE E 164 12.08 12.84 16.66
CA ILE E 164 11.44 13.13 17.93
C ILE E 164 11.10 14.62 17.89
N GLY E 165 10.08 15.02 18.64
CA GLY E 165 9.60 16.39 18.63
C GLY E 165 8.56 16.61 17.56
N ARG E 166 7.81 17.69 17.70
CA ARG E 166 6.76 17.98 16.74
C ARG E 166 7.33 18.32 15.36
N ALA E 167 6.69 17.78 14.35
CA ALA E 167 7.03 18.05 12.98
C ALA E 167 7.11 19.55 12.71
N ASN E 168 8.21 19.98 12.11
CA ASN E 168 8.39 21.38 11.71
C ASN E 168 8.42 22.35 12.87
N SER E 169 8.77 21.87 14.07
CA SER E 169 9.01 22.73 15.22
C SER E 169 10.50 22.96 15.39
N PRO E 170 10.88 24.02 16.12
CA PRO E 170 12.30 24.19 16.46
C PRO E 170 12.93 23.01 17.21
N GLU E 171 12.11 22.17 17.85
CA GLU E 171 12.58 21.08 18.71
C GLU E 171 12.67 19.76 17.98
N GLU E 172 12.36 19.76 16.68
CA GLU E 172 12.38 18.53 15.91
C GLU E 172 13.82 18.02 15.83
N GLN E 173 14.01 16.73 16.08
CA GLN E 173 15.34 16.13 15.95
C GLN E 173 15.32 14.90 15.06
N PHE E 174 16.49 14.55 14.53
CA PHE E 174 16.60 13.59 13.44
C PHE E 174 17.71 12.59 13.69
N HIS E 175 17.38 11.30 13.68
CA HIS E 175 18.38 10.24 13.78
C HIS E 175 18.41 9.48 12.46
N PHE E 176 19.49 9.63 11.71
CA PHE E 176 19.58 8.93 10.44
C PHE E 176 20.04 7.48 10.68
N THR E 177 19.18 6.52 10.35
CA THR E 177 19.38 5.13 10.78
C THR E 177 19.50 4.10 9.65
N LYS E 178 19.06 4.45 8.44
CA LYS E 178 19.08 3.54 7.28
C LYS E 178 19.46 4.32 6.06
N ALA E 179 20.15 3.68 5.14
CA ALA E 179 20.50 4.32 3.87
C ALA E 179 20.70 3.29 2.76
N TYR E 180 20.46 3.75 1.53
CA TYR E 180 20.50 2.93 0.36
C TYR E 180 21.23 3.63 -0.76
N MET E 181 21.97 2.85 -1.54
N MET E 181 21.99 2.87 -1.53
CA MET E 181 22.55 3.28 -2.80
CA MET E 181 22.54 3.35 -2.81
C MET E 181 21.66 2.77 -3.93
C MET E 181 21.68 2.79 -3.93
N LEU E 182 21.12 3.68 -4.73
CA LEU E 182 20.30 3.32 -5.90
C LEU E 182 21.04 3.64 -7.20
N THR E 183 21.16 2.64 -8.06
CA THR E 183 21.89 2.76 -9.33
C THR E 183 21.21 1.97 -10.47
N GLU E 184 21.80 2.05 -11.67
CA GLU E 184 21.31 1.34 -12.86
C GLU E 184 19.90 1.85 -13.18
N ILE E 185 19.84 3.13 -13.51
CA ILE E 185 18.57 3.81 -13.71
C ILE E 185 17.93 3.36 -15.04
N ASN E 186 16.62 3.15 -14.99
CA ASN E 186 15.83 2.75 -16.16
C ASN E 186 15.42 3.95 -16.99
N ASP E 187 15.15 3.74 -18.29
CA ASP E 187 14.64 4.80 -19.15
C ASP E 187 13.27 5.19 -18.61
N ILE E 188 12.96 6.48 -18.60
CA ILE E 188 11.78 6.94 -17.87
C ILE E 188 10.50 7.12 -18.71
N THR E 189 10.59 6.94 -20.03
CA THR E 189 9.39 7.12 -20.87
C THR E 189 8.23 6.22 -20.41
N SER E 190 8.52 4.94 -20.21
CA SER E 190 7.48 3.99 -19.77
C SER E 190 7.05 4.28 -18.33
N LEU E 191 7.98 4.76 -17.51
CA LEU E 191 7.66 5.07 -16.11
C LEU E 191 6.73 6.29 -16.00
N ILE E 192 6.89 7.26 -16.91
CA ILE E 192 5.97 8.39 -17.02
C ILE E 192 4.62 7.88 -17.54
N ASN E 193 4.66 7.23 -18.70
CA ASN E 193 3.43 6.73 -19.30
C ASN E 193 2.56 5.83 -18.40
N ASP E 194 3.21 4.96 -17.63
N ASP E 194 3.20 4.95 -17.64
CA ASP E 194 2.54 3.97 -16.76
CA ASP E 194 2.47 4.00 -16.78
C ASP E 194 2.19 4.53 -15.35
C ASP E 194 2.24 4.51 -15.34
N GLY E 195 2.48 5.80 -15.11
CA GLY E 195 2.14 6.46 -13.85
C GLY E 195 2.98 6.12 -12.63
N VAL E 196 4.18 5.60 -12.85
CA VAL E 196 5.12 5.30 -11.76
C VAL E 196 5.83 6.60 -11.33
N LEU E 197 6.45 7.28 -12.28
CA LEU E 197 6.98 8.62 -12.08
C LEU E 197 5.83 9.60 -12.17
N VAL E 198 5.83 10.63 -11.33
CA VAL E 198 4.77 11.62 -11.37
C VAL E 198 5.37 13.01 -11.38
N MET E 199 4.53 14.00 -11.71
CA MET E 199 4.91 15.39 -11.64
C MET E 199 3.93 16.12 -10.73
N ASP E 200 4.46 16.71 -9.66
CA ASP E 200 3.69 17.59 -8.80
C ASP E 200 3.91 19.04 -9.21
N LEU E 201 2.83 19.79 -9.29
CA LEU E 201 2.88 21.22 -9.36
C LEU E 201 2.65 21.70 -7.92
N CYS E 202 3.43 22.68 -7.51
CA CYS E 202 3.39 23.21 -6.15
C CYS E 202 3.49 24.72 -6.21
N ILE E 203 2.39 25.35 -6.62
CA ILE E 203 2.35 26.79 -6.71
C ILE E 203 1.30 27.32 -5.77
N ASP E 204 1.64 28.37 -5.02
CA ASP E 204 0.62 29.09 -4.27
C ASP E 204 0.91 30.57 -4.17
N GLN E 205 -0.02 31.27 -3.54
CA GLN E 205 0.01 32.70 -3.51
C GLN E 205 -0.74 33.25 -2.29
N ASP E 206 -0.07 34.10 -1.53
CA ASP E 206 -0.65 34.71 -0.33
C ASP E 206 -1.46 35.92 -0.75
N LEU E 207 -2.75 35.68 -0.94
CA LEU E 207 -3.68 36.72 -1.33
C LEU E 207 -3.92 37.69 -0.19
N SER E 208 -3.98 37.17 1.04
CA SER E 208 -4.27 38.02 2.19
C SER E 208 -3.23 39.15 2.30
N LYS E 209 -1.96 38.80 2.09
CA LYS E 209 -0.87 39.78 2.14
C LYS E 209 -0.54 40.41 0.76
N SER E 210 -1.42 40.18 -0.22
CA SER E 210 -1.29 40.78 -1.56
C SER E 210 0.06 40.50 -2.21
N LYS E 211 0.48 39.25 -2.15
CA LYS E 211 1.74 38.83 -2.71
C LYS E 211 1.58 38.15 -4.05
N GLY E 212 2.69 38.04 -4.77
CA GLY E 212 2.72 37.37 -6.06
C GLY E 212 2.82 35.87 -5.86
N PRO E 213 2.61 35.10 -6.93
CA PRO E 213 2.68 33.65 -6.81
C PRO E 213 4.09 33.13 -6.56
N HIS E 214 4.14 31.98 -5.90
CA HIS E 214 5.38 31.24 -5.62
C HIS E 214 5.27 29.90 -6.28
N ASP E 215 5.94 29.77 -7.43
CA ASP E 215 6.05 28.53 -8.16
C ASP E 215 7.32 27.86 -7.66
N ARG E 216 7.15 26.71 -7.03
CA ARG E 216 8.26 25.96 -6.47
C ARG E 216 8.94 25.05 -7.50
N GLY E 217 8.52 25.13 -8.76
CA GLY E 217 9.07 24.32 -9.82
C GLY E 217 8.32 23.01 -9.90
N PRO E 218 8.01 22.56 -11.14
CA PRO E 218 7.43 21.23 -11.28
C PRO E 218 8.38 20.19 -10.72
N HIS E 219 7.87 19.35 -9.82
CA HIS E 219 8.68 18.35 -9.10
C HIS E 219 8.47 17.02 -9.81
N LEU E 220 9.55 16.40 -10.26
CA LEU E 220 9.46 15.00 -10.67
C LEU E 220 9.59 14.16 -9.39
N ARG E 221 8.62 13.30 -9.13
CA ARG E 221 8.62 12.49 -7.93
C ARG E 221 8.31 11.03 -8.15
N ILE E 222 8.60 10.24 -7.13
CA ILE E 222 8.32 8.80 -7.18
C ILE E 222 8.03 8.27 -5.76
N PRO E 223 6.98 7.43 -5.61
CA PRO E 223 6.78 6.77 -4.32
C PRO E 223 7.95 5.89 -3.94
N ILE E 224 8.33 5.91 -2.67
CA ILE E 224 9.43 5.10 -2.19
C ILE E 224 9.22 3.63 -2.53
N SER E 225 7.96 3.18 -2.48
CA SER E 225 7.62 1.77 -2.79
C SER E 225 7.87 1.35 -4.26
N LYS E 226 8.01 2.33 -5.17
CA LYS E 226 8.28 2.05 -6.58
C LYS E 226 9.71 2.37 -7.04
N LEU E 227 10.62 2.62 -6.09
CA LEU E 227 12.03 2.89 -6.47
C LEU E 227 12.69 1.74 -7.26
N ASP E 228 12.29 0.49 -6.97
CA ASP E 228 12.77 -0.69 -7.70
C ASP E 228 12.36 -0.73 -9.19
N LYS E 229 11.39 0.11 -9.59
CA LYS E 229 11.02 0.27 -11.00
C LYS E 229 11.86 1.32 -11.75
N LEU E 230 12.43 2.27 -10.99
CA LEU E 230 13.29 3.34 -11.52
C LEU E 230 14.75 2.91 -11.55
N TYR E 231 15.17 2.17 -10.52
CA TYR E 231 16.55 1.69 -10.38
C TYR E 231 16.61 0.18 -10.36
N ARG E 232 17.49 -0.37 -11.19
CA ARG E 232 17.67 -1.84 -11.25
C ARG E 232 18.51 -2.40 -10.12
N ASN E 233 19.24 -1.53 -9.43
CA ASN E 233 20.11 -1.94 -8.34
C ASN E 233 19.90 -1.05 -7.12
N ILE E 234 19.54 -1.68 -6.02
CA ILE E 234 19.34 -1.00 -4.76
C ILE E 234 20.13 -1.76 -3.70
N GLU E 235 21.08 -1.06 -3.09
CA GLU E 235 22.04 -1.66 -2.13
C GLU E 235 21.93 -0.93 -0.80
N ARG E 236 21.84 -1.70 0.28
CA ARG E 236 21.77 -1.15 1.62
C ARG E 236 23.17 -0.70 2.06
N LEU E 237 23.31 0.56 2.47
CA LEU E 237 24.60 1.11 2.93
C LEU E 237 24.72 1.25 4.44
N LEU E 238 23.57 1.42 5.10
CA LEU E 238 23.52 1.66 6.53
C LEU E 238 22.26 0.99 7.04
N MET F 1 10.78 -10.98 4.12
N MET F 1 10.58 -10.90 4.58
CA MET F 1 9.98 -12.22 4.32
CA MET F 1 9.72 -12.12 4.61
C MET F 1 10.88 -13.30 4.88
C MET F 1 10.61 -13.35 4.80
N LYS F 2 10.47 -13.97 5.96
CA LYS F 2 11.06 -15.26 6.26
C LYS F 2 10.35 -16.31 5.40
N ILE F 3 11.16 -17.16 4.80
CA ILE F 3 10.66 -18.29 4.05
C ILE F 3 10.77 -19.51 4.93
N TRP F 4 9.62 -20.04 5.32
CA TRP F 4 9.57 -21.16 6.24
C TRP F 4 9.65 -22.50 5.50
N SER F 5 10.53 -23.38 5.98
CA SER F 5 10.49 -24.77 5.55
C SER F 5 9.33 -25.52 6.22
N LYS F 6 8.92 -26.62 5.60
CA LYS F 6 7.85 -27.43 6.16
C LYS F 6 8.19 -27.84 7.58
N GLU F 7 9.45 -28.22 7.79
CA GLU F 7 9.92 -28.76 9.07
C GLU F 7 9.86 -27.67 10.14
N GLU F 8 10.22 -26.45 9.74
CA GLU F 8 10.12 -25.29 10.64
C GLU F 8 8.68 -24.97 11.01
N VAL F 9 7.78 -25.13 10.06
CA VAL F 9 6.37 -24.88 10.29
C VAL F 9 5.88 -25.90 11.34
N VAL F 10 6.23 -27.16 11.14
CA VAL F 10 5.76 -28.23 12.04
C VAL F 10 6.25 -28.03 13.47
N ASN F 11 7.55 -27.74 13.61
CA ASN F 11 8.15 -27.41 14.90
C ASN F 11 7.43 -26.26 15.61
N LYS F 12 7.20 -25.17 14.88
CA LYS F 12 6.50 -24.01 15.46
C LYS F 12 5.07 -24.32 15.83
N LEU F 13 4.36 -25.09 14.99
CA LEU F 13 2.99 -25.50 15.32
C LEU F 13 2.98 -26.28 16.66
N HIS F 14 3.92 -27.21 16.83
CA HIS F 14 4.00 -27.93 18.11
C HIS F 14 4.27 -26.99 19.29
N GLU F 15 5.19 -26.06 19.11
CA GLU F 15 5.49 -25.07 20.14
C GLU F 15 4.28 -24.21 20.51
N ILE F 16 3.54 -23.77 19.50
CA ILE F 16 2.37 -22.95 19.71
C ILE F 16 1.27 -23.72 20.46
N LYS F 17 1.00 -24.93 20.02
CA LYS F 17 -0.01 -25.77 20.69
C LYS F 17 0.34 -25.97 22.17
N ASN F 18 1.64 -26.16 22.44
CA ASN F 18 2.10 -26.38 23.81
C ASN F 18 2.10 -25.10 24.68
N LYS F 19 1.79 -23.95 24.08
CA LYS F 19 1.63 -22.72 24.86
C LYS F 19 0.25 -22.61 25.51
N GLY F 20 -0.67 -23.51 25.14
CA GLY F 20 -2.05 -23.44 25.61
C GLY F 20 -2.83 -22.25 25.07
N TYR F 21 -3.75 -21.73 25.89
CA TYR F 21 -4.66 -20.67 25.44
C TYR F 21 -3.98 -19.31 25.44
N LEU F 22 -4.05 -18.65 24.29
CA LEU F 22 -3.40 -17.37 24.04
C LEU F 22 -4.43 -16.25 24.12
N SER F 23 -4.05 -15.14 24.76
CA SER F 23 -4.96 -14.02 24.93
C SER F 23 -4.79 -12.92 23.87
N VAL F 24 -5.78 -12.02 23.82
CA VAL F 24 -5.78 -10.86 22.91
C VAL F 24 -5.20 -9.67 23.66
N PRO F 25 -4.05 -9.15 23.22
CA PRO F 25 -3.51 -7.95 23.88
C PRO F 25 -4.48 -6.77 23.79
N THR F 26 -4.50 -5.93 24.82
CA THR F 26 -5.50 -4.87 24.86
C THR F 26 -5.40 -3.96 23.64
N ASP F 27 -4.18 -3.71 23.17
CA ASP F 27 -3.97 -2.81 22.04
C ASP F 27 -4.29 -3.42 20.68
N MET F 28 -4.61 -4.71 20.64
N MET F 28 -4.59 -4.72 20.66
CA MET F 28 -5.05 -5.40 19.42
CA MET F 28 -5.04 -5.43 19.46
C MET F 28 -6.56 -5.63 19.37
C MET F 28 -6.56 -5.45 19.37
N PHE F 29 -7.23 -5.55 20.52
CA PHE F 29 -8.65 -5.85 20.56
C PHE F 29 -9.48 -4.81 19.83
N ARG F 30 -10.32 -5.31 18.93
CA ARG F 30 -11.19 -4.42 18.17
C ARG F 30 -12.49 -5.09 17.70
N THR F 31 -13.07 -5.95 18.54
CA THR F 31 -14.36 -6.57 18.23
C THR F 31 -14.35 -7.17 16.83
N ASP F 32 -13.45 -8.14 16.65
CA ASP F 32 -13.02 -8.59 15.33
C ASP F 32 -12.97 -10.12 15.19
N ASP F 33 -13.81 -10.63 14.29
CA ASP F 33 -13.76 -12.05 13.90
C ASP F 33 -12.35 -12.48 13.53
N GLY F 34 -11.59 -11.61 12.86
CA GLY F 34 -10.26 -11.97 12.40
C GLY F 34 -9.17 -12.09 13.44
N VAL F 35 -9.48 -11.81 14.72
CA VAL F 35 -8.44 -11.79 15.75
C VAL F 35 -7.71 -13.13 15.85
N VAL F 36 -8.42 -14.25 15.60
CA VAL F 36 -7.76 -15.58 15.64
C VAL F 36 -6.55 -15.63 14.69
N GLY F 37 -6.71 -15.02 13.51
CA GLY F 37 -5.64 -14.96 12.52
C GLY F 37 -4.56 -13.98 12.87
N GLN F 38 -4.95 -12.86 13.47
CA GLN F 38 -3.98 -11.86 13.93
C GLN F 38 -3.00 -12.48 14.96
N ILE F 39 -3.56 -13.22 15.92
CA ILE F 39 -2.76 -13.91 16.94
C ILE F 39 -1.85 -14.98 16.33
N LEU F 40 -2.44 -15.83 15.52
CA LEU F 40 -1.70 -16.89 14.87
C LEU F 40 -0.55 -16.36 14.04
N GLU F 41 -0.76 -15.29 13.28
CA GLU F 41 0.34 -14.86 12.42
C GLU F 41 1.47 -14.24 13.26
N ARG F 42 1.11 -13.57 14.36
CA ARG F 42 2.07 -13.02 15.34
C ARG F 42 2.94 -14.12 15.92
N GLN F 43 2.39 -15.31 16.11
CA GLN F 43 3.19 -16.43 16.63
C GLN F 43 4.19 -16.94 15.61
N PHE F 44 3.91 -16.67 14.33
CA PHE F 44 4.82 -17.04 13.24
C PHE F 44 5.75 -15.91 12.84
N GLY F 45 5.79 -14.85 13.64
CA GLY F 45 6.66 -13.71 13.39
C GLY F 45 6.32 -12.93 12.13
N VAL F 46 5.08 -13.05 11.65
CA VAL F 46 4.70 -12.49 10.35
C VAL F 46 4.53 -10.97 10.48
N GLN F 47 5.37 -10.23 9.73
CA GLN F 47 5.48 -8.77 9.86
C GLN F 47 4.72 -8.01 8.78
N GLU F 48 4.25 -8.74 7.77
CA GLU F 48 3.48 -8.19 6.67
C GLU F 48 2.71 -9.33 6.01
N ASN F 49 1.56 -9.02 5.42
CA ASN F 49 0.99 -9.98 4.48
C ASN F 49 1.36 -9.51 3.09
N ASN F 50 1.56 -10.47 2.19
CA ASN F 50 1.91 -10.18 0.80
C ASN F 50 0.76 -10.58 -0.14
N ILE F 51 0.54 -9.77 -1.19
CA ILE F 51 -0.58 -10.04 -2.15
C ILE F 51 -0.20 -11.12 -3.18
N THR F 52 1.10 -11.42 -3.30
CA THR F 52 1.58 -12.40 -4.29
C THR F 52 1.90 -13.76 -3.68
N LEU F 53 2.76 -13.77 -2.67
CA LEU F 53 3.18 -14.99 -2.00
C LEU F 53 2.41 -15.21 -0.72
N GLY F 54 2.31 -16.47 -0.28
CA GLY F 54 1.74 -16.76 1.02
C GLY F 54 2.58 -16.17 2.16
N ASP F 55 1.95 -16.00 3.34
CA ASP F 55 2.59 -15.36 4.53
C ASP F 55 3.91 -15.96 4.86
N LEU F 56 4.03 -17.26 4.64
CA LEU F 56 5.21 -18.03 5.06
C LEU F 56 6.21 -18.28 3.92
N GLY F 57 5.95 -17.70 2.76
CA GLY F 57 6.84 -17.85 1.59
C GLY F 57 6.34 -18.90 0.63
N GLU F 58 6.61 -20.18 0.95
CA GLU F 58 6.09 -21.29 0.16
C GLU F 58 4.62 -21.52 0.47
N PHE F 59 4.21 -21.23 1.69
CA PHE F 59 2.89 -21.60 2.20
C PHE F 59 2.11 -20.38 2.60
N GLU F 60 0.80 -20.45 2.39
CA GLU F 60 -0.09 -19.44 2.95
C GLU F 60 -0.61 -19.95 4.29
N LEU F 61 -0.62 -19.09 5.30
CA LEU F 61 -1.05 -19.41 6.66
C LEU F 61 -2.46 -18.90 6.93
N LYS F 62 -3.32 -19.80 7.43
CA LYS F 62 -4.70 -19.48 7.74
C LYS F 62 -5.11 -20.08 9.10
N GLY F 63 -5.82 -19.29 9.89
CA GLY F 63 -6.35 -19.71 11.20
C GLY F 63 -7.85 -19.74 11.15
N MET F 64 -8.48 -20.65 11.91
N MET F 64 -8.46 -20.66 11.90
CA MET F 64 -9.94 -20.73 12.00
CA MET F 64 -9.90 -20.73 12.06
C MET F 64 -10.39 -21.31 13.33
C MET F 64 -10.26 -21.21 13.45
N ARG F 65 -11.29 -20.61 14.02
CA ARG F 65 -11.91 -21.17 15.22
C ARG F 65 -12.58 -22.48 14.83
N ASN F 66 -12.38 -23.49 15.67
N ASN F 66 -12.37 -23.51 15.63
CA ASN F 66 -12.97 -24.81 15.48
CA ASN F 66 -12.98 -24.80 15.36
C ASN F 66 -14.42 -24.83 15.97
C ASN F 66 -14.48 -24.75 15.61
N ARG F 67 -15.29 -24.19 15.22
N ARG F 67 -15.21 -24.37 14.58
CA ARG F 67 -16.72 -24.19 15.53
CA ARG F 67 -16.67 -24.28 14.68
C ARG F 67 -17.34 -25.53 15.12
C ARG F 67 -17.30 -25.47 13.98
N LYS F 68 -18.40 -25.93 15.83
N LYS F 68 -17.63 -25.32 12.69
CA LYS F 68 -19.17 -27.12 15.45
CA LYS F 68 -18.37 -26.35 11.95
C LYS F 68 -19.62 -26.99 14.00
C LYS F 68 -17.67 -26.71 10.64
N ALA F 69 -20.11 -25.80 13.67
N ALA F 69 -18.09 -27.81 10.01
CA ALA F 69 -20.53 -25.48 12.31
CA ALA F 69 -17.52 -28.21 8.72
C ALA F 69 -19.66 -24.34 11.83
C ALA F 69 -18.04 -27.26 7.64
N LYS F 70 -18.74 -24.66 10.93
N LYS F 70 -19.13 -26.58 7.98
CA LYS F 70 -17.74 -23.69 10.50
CA LYS F 70 -19.79 -25.65 7.06
C LYS F 70 -18.19 -22.91 9.27
C LYS F 70 -19.05 -24.32 6.99
N SER F 71 -18.02 -21.60 9.32
N SER F 71 -18.33 -24.01 8.07
CA SER F 71 -18.18 -20.76 8.14
CA SER F 71 -17.55 -22.79 8.18
C SER F 71 -17.09 -21.08 7.14
C SER F 71 -16.83 -22.48 6.88
N ASN F 72 -17.21 -20.49 5.96
N ASN F 72 -16.82 -21.22 6.48
CA ASN F 72 -16.28 -20.76 4.89
CA ASN F 72 -16.19 -20.87 5.22
C ASN F 72 -14.91 -20.20 5.19
C ASN F 72 -14.83 -20.26 5.40
N LEU F 73 -13.92 -20.75 4.51
N LEU F 73 -13.87 -20.77 4.61
CA LEU F 73 -12.56 -20.26 4.62
CA LEU F 73 -12.52 -20.28 4.63
C LEU F 73 -12.35 -19.21 3.53
C LEU F 73 -12.36 -19.22 3.55
N THR F 74 -11.91 -18.03 3.94
CA THR F 74 -11.57 -16.98 2.99
C THR F 74 -10.15 -17.26 2.49
N LEU F 75 -10.03 -17.35 1.17
CA LEU F 75 -8.77 -17.68 0.51
C LEU F 75 -7.95 -16.44 0.14
N PHE F 76 -8.56 -15.51 -0.59
CA PHE F 76 -7.95 -14.22 -0.90
C PHE F 76 -9.05 -13.33 -1.49
N HIS F 77 -8.66 -12.10 -1.82
CA HIS F 77 -9.59 -11.06 -2.26
C HIS F 77 -9.11 -10.56 -3.62
N LYS F 78 -10.05 -10.18 -4.48
CA LYS F 78 -9.66 -9.57 -5.76
C LYS F 78 -10.78 -8.76 -6.37
N LYS F 79 -10.46 -7.57 -6.87
CA LYS F 79 -11.41 -6.72 -7.56
C LYS F 79 -11.57 -7.20 -9.01
N PRO F 80 -12.75 -6.96 -9.61
CA PRO F 80 -12.92 -7.29 -11.03
C PRO F 80 -11.99 -6.49 -11.94
N VAL F 81 -11.65 -7.09 -13.08
CA VAL F 81 -10.78 -6.49 -14.11
C VAL F 81 -11.57 -5.78 -15.23
N ALA F 82 -12.85 -6.11 -15.34
CA ALA F 82 -13.68 -5.56 -16.43
C ALA F 82 -15.11 -5.54 -16.01
N GLY F 83 -15.90 -4.70 -16.69
CA GLY F 83 -17.33 -4.54 -16.36
C GLY F 83 -17.60 -3.67 -15.15
N GLN F 84 -18.74 -3.93 -14.52
CA GLN F 84 -19.16 -3.15 -13.36
C GLN F 84 -18.15 -3.24 -12.22
N THR F 85 -17.96 -2.12 -11.54
CA THR F 85 -17.11 -2.11 -10.38
C THR F 85 -17.90 -2.68 -9.20
N VAL F 86 -17.22 -3.00 -8.10
CA VAL F 86 -17.89 -3.54 -6.91
C VAL F 86 -18.86 -2.47 -6.32
N ILE F 87 -18.44 -1.21 -6.33
CA ILE F 87 -19.32 -0.16 -5.79
C ILE F 87 -20.57 -0.03 -6.65
N GLN F 88 -20.43 -0.15 -7.96
CA GLN F 88 -21.60 -0.15 -8.86
C GLN F 88 -22.57 -1.32 -8.59
N ILE F 89 -22.00 -2.49 -8.31
CA ILE F 89 -22.80 -3.66 -7.95
C ILE F 89 -23.53 -3.39 -6.62
N PHE F 90 -22.76 -2.92 -5.63
CA PHE F 90 -23.34 -2.47 -4.35
C PHE F 90 -24.47 -1.43 -4.55
N ASN F 91 -24.25 -0.41 -5.39
CA ASN F 91 -25.27 0.63 -5.60
C ASN F 91 -26.58 0.00 -6.02
N ARG F 92 -26.49 -0.95 -6.94
CA ARG F 92 -27.69 -1.60 -7.50
C ARG F 92 -28.32 -2.69 -6.60
N PHE F 93 -27.48 -3.55 -6.03
CA PHE F 93 -27.99 -4.76 -5.33
C PHE F 93 -28.01 -4.69 -3.79
N GLY F 94 -27.31 -3.73 -3.22
CA GLY F 94 -27.34 -3.55 -1.76
C GLY F 94 -28.73 -3.21 -1.24
N TYR F 95 -28.90 -3.37 0.06
CA TYR F 95 -30.23 -3.22 0.72
C TYR F 95 -30.01 -2.54 2.10
N VAL F 96 -31.02 -1.81 2.53
CA VAL F 96 -30.98 -1.06 3.81
C VAL F 96 -31.52 -1.92 4.92
N LYS F 97 -30.73 -2.04 5.97
CA LYS F 97 -31.02 -2.95 7.08
C LYS F 97 -30.19 -2.51 8.29
N PRO F 98 -30.72 -2.65 9.52
CA PRO F 98 -29.92 -2.33 10.70
C PRO F 98 -28.67 -3.20 10.83
N SER F 99 -27.60 -2.62 11.36
CA SER F 99 -26.45 -3.39 11.79
C SER F 99 -26.87 -4.63 12.60
N SER F 100 -26.27 -5.77 12.31
CA SER F 100 -26.58 -6.98 13.06
C SER F 100 -25.98 -6.94 14.47
N ARG F 101 -24.93 -6.14 14.68
CA ARG F 101 -24.28 -6.02 16.02
C ARG F 101 -24.87 -4.91 16.88
N ASN F 102 -25.28 -3.82 16.23
CA ASN F 102 -25.76 -2.61 16.88
C ASN F 102 -27.01 -2.16 16.17
N PRO F 103 -28.16 -2.69 16.59
CA PRO F 103 -29.47 -2.50 15.94
C PRO F 103 -29.87 -1.05 15.75
N GLU F 104 -29.40 -0.17 16.64
CA GLU F 104 -29.62 1.27 16.55
C GLU F 104 -28.92 1.96 15.35
N VAL F 105 -28.02 1.26 14.65
CA VAL F 105 -27.27 1.86 13.56
C VAL F 105 -27.82 1.36 12.23
N MET F 106 -28.29 2.27 11.39
N MET F 106 -28.27 2.29 11.39
CA MET F 106 -28.84 1.88 10.09
CA MET F 106 -28.83 1.96 10.08
C MET F 106 -27.70 1.77 9.07
C MET F 106 -27.70 1.79 9.07
N LYS F 107 -27.76 0.72 8.27
CA LYS F 107 -26.70 0.41 7.29
C LYS F 107 -27.33 0.17 5.93
N LYS F 108 -26.53 0.35 4.87
CA LYS F 108 -26.78 -0.28 3.59
C LYS F 108 -25.74 -1.39 3.49
N LYS F 109 -26.19 -2.59 3.07
CA LYS F 109 -25.35 -3.76 3.07
C LYS F 109 -25.47 -4.51 1.77
N LEU F 110 -24.39 -5.20 1.42
CA LEU F 110 -24.46 -6.28 0.43
C LEU F 110 -23.50 -7.35 0.94
N PHE F 111 -24.06 -8.29 1.67
CA PHE F 111 -23.37 -9.50 2.09
C PHE F 111 -24.05 -10.67 1.39
N THR F 112 -23.39 -11.19 0.36
CA THR F 112 -24.00 -12.20 -0.52
C THR F 112 -22.93 -13.17 -1.03
N THR F 113 -23.33 -14.41 -1.12
CA THR F 113 -22.45 -15.49 -1.58
C THR F 113 -22.91 -15.84 -2.98
N ILE F 114 -21.97 -15.82 -3.93
CA ILE F 114 -22.28 -15.99 -5.34
C ILE F 114 -21.53 -17.22 -5.84
N LYS F 115 -22.23 -18.06 -6.60
CA LYS F 115 -21.58 -19.25 -7.13
C LYS F 115 -22.03 -19.68 -8.52
N GLY F 116 -21.26 -20.58 -9.09
CA GLY F 116 -21.62 -21.20 -10.36
C GLY F 116 -22.71 -22.24 -10.17
N GLY F 117 -23.53 -22.38 -11.19
CA GLY F 117 -24.54 -23.43 -11.25
C GLY F 117 -25.84 -23.11 -10.52
N ARG F 118 -25.94 -21.90 -9.96
CA ARG F 118 -27.10 -21.54 -9.19
C ARG F 118 -27.22 -20.02 -9.22
N LEU F 119 -28.45 -19.52 -9.33
CA LEU F 119 -28.69 -18.09 -9.10
C LEU F 119 -29.04 -17.91 -7.63
N ASN F 120 -28.36 -17.00 -6.95
CA ASN F 120 -28.73 -16.79 -5.56
C ASN F 120 -30.02 -15.98 -5.50
N ASN F 121 -30.50 -15.72 -4.29
CA ASN F 121 -31.76 -15.01 -4.10
C ASN F 121 -31.79 -13.58 -4.66
N LEU F 122 -30.60 -12.99 -4.84
CA LEU F 122 -30.43 -11.68 -5.50
C LEU F 122 -30.32 -11.76 -7.02
N GLY F 123 -30.31 -12.98 -7.56
CA GLY F 123 -30.26 -13.24 -9.01
C GLY F 123 -28.83 -13.36 -9.53
N LEU F 124 -27.87 -13.41 -8.62
CA LEU F 124 -26.47 -13.35 -8.97
C LEU F 124 -25.89 -14.75 -9.15
N THR F 125 -25.01 -14.89 -10.12
CA THR F 125 -24.35 -16.18 -10.37
C THR F 125 -23.01 -15.98 -11.07
N LEU F 126 -22.18 -17.02 -11.00
CA LEU F 126 -20.88 -17.02 -11.70
C LEU F 126 -20.87 -18.01 -12.85
N ASN F 127 -20.15 -17.68 -13.93
CA ASN F 127 -19.79 -18.66 -14.97
C ASN F 127 -18.33 -18.44 -15.36
N ALA F 128 -17.49 -19.47 -15.22
CA ALA F 128 -16.07 -19.36 -15.57
C ALA F 128 -15.84 -19.87 -16.98
N LYS F 129 -15.24 -19.04 -17.82
CA LYS F 129 -14.78 -19.48 -19.14
C LYS F 129 -13.35 -19.96 -19.01
N HIS F 130 -12.52 -19.14 -18.39
CA HIS F 130 -11.11 -19.43 -18.12
C HIS F 130 -10.70 -18.78 -16.78
N ALA F 131 -9.48 -19.09 -16.32
CA ALA F 131 -8.98 -18.50 -15.06
C ALA F 131 -9.06 -16.98 -15.04
N SER F 132 -8.71 -16.39 -16.20
CA SER F 132 -8.69 -14.94 -16.34
C SER F 132 -10.06 -14.37 -16.72
N GLU F 133 -11.07 -15.22 -16.83
CA GLU F 133 -12.39 -14.80 -17.29
C GLU F 133 -13.50 -15.51 -16.49
N ILE F 134 -13.71 -15.03 -15.27
CA ILE F 134 -14.77 -15.53 -14.39
C ILE F 134 -15.83 -14.43 -14.34
N ASN F 135 -16.96 -14.71 -14.95
CA ASN F 135 -17.97 -13.70 -15.18
C ASN F 135 -19.04 -13.73 -14.11
N LEU F 136 -19.44 -12.52 -13.68
CA LEU F 136 -20.59 -12.33 -12.82
C LEU F 136 -21.80 -11.90 -13.67
N TYR F 137 -22.95 -12.54 -13.39
CA TYR F 137 -24.21 -12.30 -14.09
C TYR F 137 -25.30 -12.03 -13.07
N TYR F 138 -26.21 -11.12 -13.41
CA TYR F 138 -27.51 -11.08 -12.77
C TYR F 138 -28.44 -11.70 -13.78
N GLN F 139 -29.00 -12.86 -13.47
CA GLN F 139 -29.82 -13.58 -14.45
C GLN F 139 -28.97 -13.76 -15.73
N ASP F 140 -29.43 -13.27 -16.88
CA ASP F 140 -28.64 -13.44 -18.12
C ASP F 140 -27.90 -12.18 -18.54
N GLU F 141 -27.85 -11.21 -17.64
CA GLU F 141 -27.21 -9.92 -17.86
C GLU F 141 -25.77 -9.95 -17.33
N TYR F 142 -24.82 -9.79 -18.23
CA TYR F 142 -23.42 -9.74 -17.85
C TYR F 142 -23.16 -8.51 -16.99
N LEU F 143 -22.45 -8.70 -15.87
CA LEU F 143 -22.06 -7.57 -15.03
C LEU F 143 -20.56 -7.28 -15.06
N SER F 144 -19.75 -8.25 -14.68
CA SER F 144 -18.32 -8.03 -14.48
C SER F 144 -17.47 -9.26 -14.72
N THR F 145 -16.16 -9.06 -14.83
CA THR F 145 -15.21 -10.19 -15.02
C THR F 145 -14.09 -10.12 -13.98
N TRP F 146 -13.77 -11.28 -13.41
CA TRP F 146 -12.62 -11.48 -12.56
C TRP F 146 -11.57 -12.32 -13.27
N ASP F 147 -10.31 -11.98 -12.97
CA ASP F 147 -9.18 -12.77 -13.37
C ASP F 147 -8.59 -13.30 -12.07
N LEU F 148 -8.83 -14.58 -11.78
CA LEU F 148 -8.43 -15.16 -10.50
C LEU F 148 -7.23 -16.07 -10.68
N ASN F 149 -6.21 -15.76 -9.89
CA ASN F 149 -4.96 -16.49 -9.91
C ASN F 149 -4.86 -17.20 -8.56
N LEU F 150 -4.81 -18.53 -8.57
CA LEU F 150 -4.72 -19.32 -7.32
C LEU F 150 -3.27 -19.53 -6.79
N SER F 151 -2.30 -18.81 -7.35
CA SER F 151 -0.88 -19.08 -7.08
C SER F 151 -0.52 -18.93 -5.59
N LYS F 152 -1.07 -17.90 -4.98
CA LYS F 152 -0.76 -17.61 -3.59
C LYS F 152 -1.19 -18.73 -2.65
N ILE F 153 -2.23 -19.48 -3.03
CA ILE F 153 -2.78 -20.55 -2.16
C ILE F 153 -2.50 -21.97 -2.68
N GLU F 154 -1.55 -22.07 -3.61
CA GLU F 154 -1.11 -23.37 -4.10
C GLU F 154 -0.76 -24.35 -2.97
N LYS F 155 -0.17 -23.84 -1.89
CA LYS F 155 0.10 -24.61 -0.68
C LYS F 155 -0.34 -23.83 0.56
N LEU F 156 -1.08 -24.50 1.45
N LEU F 156 -1.21 -24.45 1.36
CA LEU F 156 -1.85 -23.83 2.48
CA LEU F 156 -1.77 -23.82 2.55
C LEU F 156 -1.72 -24.56 3.81
C LEU F 156 -1.39 -24.58 3.79
N VAL F 157 -1.36 -23.82 4.88
CA VAL F 157 -1.22 -24.36 6.19
C VAL F 157 -2.39 -23.77 6.95
N LEU F 158 -3.31 -24.64 7.36
CA LEU F 158 -4.59 -24.27 7.93
C LEU F 158 -4.60 -24.78 9.37
N VAL F 159 -4.83 -23.86 10.30
CA VAL F 159 -4.67 -24.15 11.73
C VAL F 159 -6.01 -23.83 12.45
N PHE F 160 -6.49 -24.79 13.25
CA PHE F 160 -7.74 -24.67 13.99
C PHE F 160 -7.51 -24.40 15.46
N ALA F 161 -8.31 -23.50 16.00
CA ALA F 161 -8.23 -23.07 17.38
C ALA F 161 -9.48 -23.41 18.18
N GLU F 162 -9.26 -23.97 19.36
CA GLU F 162 -10.29 -24.01 20.39
C GLU F 162 -10.33 -22.64 21.07
N THR F 163 -11.51 -22.24 21.55
CA THR F 163 -11.67 -20.97 22.23
C THR F 163 -12.25 -21.09 23.64
N ILE F 164 -11.87 -20.12 24.46
CA ILE F 164 -12.50 -19.90 25.76
C ILE F 164 -12.98 -18.46 25.75
N GLY F 165 -14.18 -18.25 26.28
CA GLY F 165 -14.74 -16.91 26.38
C GLY F 165 -15.61 -16.55 25.21
N ARG F 166 -16.34 -15.46 25.38
CA ARG F 166 -17.31 -14.99 24.40
C ARG F 166 -16.63 -14.54 23.12
N ALA F 167 -17.21 -14.91 21.97
CA ALA F 167 -16.68 -14.53 20.65
C ALA F 167 -16.55 -13.00 20.51
N ASN F 168 -15.39 -12.53 20.03
CA ASN F 168 -15.15 -11.08 19.81
C ASN F 168 -15.21 -10.25 21.09
N SER F 169 -14.97 -10.90 22.23
CA SER F 169 -14.81 -10.21 23.50
C SER F 169 -13.33 -10.00 23.79
N PRO F 170 -13.03 -8.99 24.61
CA PRO F 170 -11.64 -8.76 25.07
C PRO F 170 -10.98 -9.96 25.74
N GLU F 171 -11.79 -10.81 26.36
CA GLU F 171 -11.29 -11.99 27.10
C GLU F 171 -11.21 -13.29 26.28
N GLU F 172 -11.61 -13.24 25.02
CA GLU F 172 -11.53 -14.42 24.18
C GLU F 172 -10.10 -14.96 24.12
N GLN F 173 -9.97 -16.27 24.23
CA GLN F 173 -8.65 -16.96 24.17
C GLN F 173 -8.68 -18.10 23.17
N PHE F 174 -7.49 -18.45 22.65
CA PHE F 174 -7.31 -19.37 21.52
C PHE F 174 -6.20 -20.36 21.77
N HIS F 175 -6.54 -21.63 21.61
CA HIS F 175 -5.56 -22.71 21.69
C HIS F 175 -5.49 -23.42 20.33
N PHE F 176 -4.35 -23.29 19.64
CA PHE F 176 -4.20 -23.84 18.32
C PHE F 176 -3.82 -25.30 18.47
N THR F 177 -4.78 -26.16 18.15
CA THR F 177 -4.66 -27.61 18.45
C THR F 177 -4.52 -28.58 17.28
N LYS F 178 -4.90 -28.16 16.07
CA LYS F 178 -4.90 -29.01 14.89
C LYS F 178 -4.41 -28.17 13.72
N ALA F 179 -3.66 -28.80 12.82
CA ALA F 179 -3.23 -28.14 11.60
C ALA F 179 -3.04 -29.12 10.45
N TYR F 180 -3.22 -28.58 9.25
CA TYR F 180 -3.16 -29.33 8.01
C TYR F 180 -2.33 -28.61 6.95
N MET F 181 -1.62 -29.39 6.14
N MET F 181 -1.58 -29.36 6.15
CA MET F 181 -0.93 -28.92 4.95
CA MET F 181 -0.92 -28.85 4.95
C MET F 181 -1.77 -29.32 3.75
C MET F 181 -1.75 -29.30 3.75
N LEU F 182 -2.20 -28.34 2.97
CA LEU F 182 -3.03 -28.58 1.80
C LEU F 182 -2.27 -28.19 0.53
N THR F 183 -2.18 -29.12 -0.42
CA THR F 183 -1.33 -28.95 -1.60
C THR F 183 -2.00 -29.61 -2.81
N GLU F 184 -1.37 -29.45 -3.98
CA GLU F 184 -1.87 -30.07 -5.23
C GLU F 184 -3.25 -29.52 -5.60
N ILE F 185 -3.31 -28.20 -5.71
CA ILE F 185 -4.55 -27.48 -5.93
C ILE F 185 -5.14 -27.78 -7.33
N ASN F 186 -6.46 -27.82 -7.41
CA ASN F 186 -7.15 -28.09 -8.67
C ASN F 186 -7.38 -26.79 -9.44
N ASP F 187 -7.97 -26.87 -10.64
CA ASP F 187 -8.13 -25.65 -11.47
C ASP F 187 -9.36 -24.80 -11.14
N ILE F 188 -9.16 -23.49 -11.18
CA ILE F 188 -10.17 -22.53 -10.79
C ILE F 188 -11.45 -22.65 -11.64
N THR F 189 -11.31 -22.86 -12.95
CA THR F 189 -12.47 -22.82 -13.85
C THR F 189 -13.49 -23.90 -13.43
N SER F 190 -12.99 -25.11 -13.27
CA SER F 190 -13.82 -26.24 -12.84
C SER F 190 -14.41 -26.02 -11.45
N LEU F 191 -13.59 -25.46 -10.54
N LEU F 191 -13.62 -25.46 -10.52
CA LEU F 191 -14.00 -25.20 -9.16
CA LEU F 191 -14.11 -25.28 -9.15
C LEU F 191 -15.18 -24.23 -9.10
C LEU F 191 -15.19 -24.20 -9.06
N ILE F 192 -15.15 -23.23 -9.97
CA ILE F 192 -16.21 -22.22 -10.04
C ILE F 192 -17.46 -22.85 -10.64
N ASN F 193 -17.29 -23.50 -11.79
CA ASN F 193 -18.45 -23.99 -12.53
C ASN F 193 -19.15 -25.14 -11.84
N ASP F 194 -18.39 -25.96 -11.10
CA ASP F 194 -18.91 -27.08 -10.33
C ASP F 194 -19.58 -26.62 -9.00
N GLY F 195 -19.54 -25.33 -8.67
CA GLY F 195 -20.19 -24.81 -7.47
C GLY F 195 -19.42 -25.02 -6.17
N VAL F 196 -18.10 -25.23 -6.27
CA VAL F 196 -17.27 -25.53 -5.08
C VAL F 196 -16.68 -24.26 -4.45
N LEU F 197 -15.97 -23.48 -5.27
CA LEU F 197 -15.45 -22.19 -4.83
C LEU F 197 -16.53 -21.16 -5.00
N VAL F 198 -16.67 -20.29 -4.01
CA VAL F 198 -17.69 -19.25 -4.04
C VAL F 198 -17.04 -17.86 -3.93
N MET F 199 -17.79 -16.84 -4.31
CA MET F 199 -17.37 -15.48 -4.12
C MET F 199 -18.34 -14.74 -3.20
N ASP F 200 -17.83 -14.16 -2.14
CA ASP F 200 -18.65 -13.33 -1.27
C ASP F 200 -18.37 -11.87 -1.59
N LEU F 201 -19.43 -11.10 -1.68
CA LEU F 201 -19.33 -9.66 -1.64
C LEU F 201 -19.67 -9.25 -0.21
N CYS F 202 -18.86 -8.33 0.35
CA CYS F 202 -18.97 -7.91 1.75
C CYS F 202 -18.77 -6.42 1.83
N ILE F 203 -19.80 -5.68 1.45
CA ILE F 203 -19.73 -4.22 1.44
C ILE F 203 -20.86 -3.71 2.32
N ASP F 204 -20.57 -2.71 3.12
CA ASP F 204 -21.62 -2.08 3.91
C ASP F 204 -21.30 -0.60 4.15
N GLN F 205 -22.25 0.08 4.76
CA GLN F 205 -22.19 1.52 4.84
C GLN F 205 -22.98 1.99 6.06
N ASP F 206 -22.33 2.77 6.92
CA ASP F 206 -22.96 3.33 8.10
C ASP F 206 -23.75 4.57 7.68
N LEU F 207 -25.06 4.40 7.50
CA LEU F 207 -25.94 5.51 7.09
C LEU F 207 -26.19 6.49 8.24
N SER F 208 -26.29 5.95 9.46
CA SER F 208 -26.55 6.78 10.62
C SER F 208 -25.49 7.85 10.80
N LYS F 209 -24.25 7.49 10.56
CA LYS F 209 -23.10 8.40 10.72
C LYS F 209 -22.72 9.09 9.42
N SER F 210 -23.59 8.96 8.40
CA SER F 210 -23.46 9.58 7.08
C SER F 210 -22.10 9.28 6.46
N LYS F 211 -21.68 8.01 6.52
CA LYS F 211 -20.39 7.56 6.00
C LYS F 211 -20.60 7.01 4.60
N GLY F 212 -19.50 6.91 3.85
CA GLY F 212 -19.49 6.18 2.60
C GLY F 212 -19.29 4.68 2.76
N PRO F 213 -19.41 3.93 1.67
CA PRO F 213 -19.30 2.49 1.77
C PRO F 213 -17.91 1.95 2.06
N HIS F 214 -17.86 0.78 2.66
CA HIS F 214 -16.63 0.08 2.98
C HIS F 214 -16.72 -1.25 2.27
N ASP F 215 -15.99 -1.35 1.16
CA ASP F 215 -15.83 -2.56 0.39
C ASP F 215 -14.66 -3.39 0.98
N ARG F 216 -14.97 -4.58 1.47
CA ARG F 216 -13.94 -5.47 2.05
C ARG F 216 -13.21 -6.33 1.01
N GLY F 217 -13.55 -6.13 -0.26
CA GLY F 217 -12.94 -6.86 -1.36
C GLY F 217 -13.80 -8.07 -1.64
N PRO F 218 -14.04 -8.39 -2.91
CA PRO F 218 -14.67 -9.67 -3.20
C PRO F 218 -13.83 -10.80 -2.62
N HIS F 219 -14.42 -11.63 -1.76
CA HIS F 219 -13.74 -12.78 -1.10
C HIS F 219 -13.88 -14.08 -1.93
N LEU F 220 -12.78 -14.70 -2.33
CA LEU F 220 -12.87 -16.07 -2.86
C LEU F 220 -12.84 -17.00 -1.64
N ARG F 221 -13.84 -17.86 -1.52
CA ARG F 221 -14.03 -18.69 -0.32
C ARG F 221 -14.40 -20.13 -0.64
N ILE F 222 -14.18 -21.00 0.33
CA ILE F 222 -14.54 -22.39 0.19
C ILE F 222 -15.07 -22.94 1.52
N PRO F 223 -16.16 -23.72 1.48
CA PRO F 223 -16.55 -24.44 2.71
C PRO F 223 -15.49 -25.43 3.15
N ILE F 224 -15.26 -25.50 4.45
CA ILE F 224 -14.29 -26.46 5.00
C ILE F 224 -14.55 -27.92 4.56
N SER F 225 -15.80 -28.35 4.59
CA SER F 225 -16.20 -29.69 4.14
C SER F 225 -15.82 -29.99 2.67
N LYS F 226 -15.56 -28.95 1.88
CA LYS F 226 -15.16 -29.14 0.49
C LYS F 226 -13.65 -28.97 0.20
N LEU F 227 -12.79 -28.90 1.22
CA LEU F 227 -11.37 -28.65 0.95
C LEU F 227 -10.74 -29.76 0.07
N ASP F 228 -11.24 -30.98 0.21
CA ASP F 228 -10.75 -32.12 -0.57
C ASP F 228 -11.21 -32.10 -2.04
N LYS F 229 -12.07 -31.16 -2.40
CA LYS F 229 -12.35 -30.85 -3.81
C LYS F 229 -11.38 -29.79 -4.36
N LEU F 230 -10.87 -28.94 -3.46
CA LEU F 230 -9.88 -27.90 -3.84
C LEU F 230 -8.45 -28.43 -3.93
N TYR F 231 -8.07 -29.27 -2.98
CA TYR F 231 -6.70 -29.76 -2.87
C TYR F 231 -6.72 -31.26 -2.92
N ARG F 232 -5.85 -31.83 -3.76
CA ARG F 232 -5.78 -33.28 -3.93
C ARG F 232 -4.98 -33.96 -2.84
N ASN F 233 -4.14 -33.21 -2.12
CA ASN F 233 -3.40 -33.75 -0.98
C ASN F 233 -3.61 -32.92 0.28
N ILE F 234 -4.05 -33.58 1.35
CA ILE F 234 -4.25 -32.95 2.67
C ILE F 234 -3.55 -33.85 3.70
N GLU F 235 -2.63 -33.27 4.48
CA GLU F 235 -1.84 -33.99 5.47
C GLU F 235 -2.02 -33.31 6.82
N ARG F 236 -2.22 -34.10 7.89
CA ARG F 236 -2.30 -33.52 9.23
C ARG F 236 -0.88 -33.25 9.65
N LEU F 237 -0.60 -31.99 9.99
CA LEU F 237 0.72 -31.55 10.51
C LEU F 237 0.77 -31.59 12.04
N LEU F 238 -0.38 -31.39 12.66
CA LEU F 238 -0.50 -31.16 14.10
C LEU F 238 -1.85 -31.70 14.58
#